data_7UYN
#
_entry.id   7UYN
#
_cell.length_a   54.854
_cell.length_b   146.480
_cell.length_c   46.656
_cell.angle_alpha   90.000
_cell.angle_beta   90.000
_cell.angle_gamma   90.000
#
_symmetry.space_group_name_H-M   'P 21 21 2'
#
loop_
_entity.id
_entity.type
_entity.pdbx_description
1 polymer 'reverse transcriptase'
2 polymer "DNA (5'-D(*CP*TP*TP*(IGU)P*(1WA)P*(1WA)P*(IGU)P*(IGU))-3')"
3 polymer "DNA (5'-D(P*(JSP)P*(JSP)P*(1W5)P*(1W5)P*(JSP)P*AP*AP*G)-3')"
4 water water
#
loop_
_entity_poly.entity_id
_entity_poly.type
_entity_poly.pdbx_seq_one_letter_code
_entity_poly.pdbx_strand_id
1 'polypeptide(L)'
;GSHMTWLSDFPQAWAETGGMGLAVRQAPLIIPLKATSTPVSIKQYPMSQEARLGIKPHIQRLLDQGILVPCQSPWNTPLL
PVKKPGTNDYRPVQDLREVNKRVEDIHPTVPNPYNLLSGLPPSHQWYTVLDLKDAFFCLRLHPTSQPLFAFEWRDPEMGI
SGQLTWTRLPQGFKNSPTLFDEALHRDLADFRIQHPDLILLQYVDDLLLAATSELDCQQGTRALLQTLGNLGYRASAKKA
QICQKQVKYLGYLLKEGQRLTRGSGC
;
A
2 'polydeoxyribonucleotide' (DC)(DT)(DT)(IGU)(1WA)(1WA)(IGU)(IGU) B
3 'polydeoxyribonucleotide' (JSP)(JSP)(1W5)(1W5)(JSP)(DA)(DA)(DG) G
#
# COMPACT_ATOMS: atom_id res chain seq x y z
N THR A 5 -12.51 17.41 16.14
CA THR A 5 -12.80 16.85 14.82
C THR A 5 -12.04 15.55 14.59
N TRP A 6 -12.46 14.79 13.58
CA TRP A 6 -11.75 13.56 13.24
C TRP A 6 -10.32 13.84 12.83
N LEU A 7 -10.08 14.96 12.14
CA LEU A 7 -8.74 15.33 11.74
C LEU A 7 -7.84 15.54 12.95
N SER A 8 -8.32 16.28 13.94
CA SER A 8 -7.50 16.70 15.06
C SER A 8 -7.44 15.69 16.19
N ASP A 9 -8.42 14.78 16.30
CA ASP A 9 -8.37 13.77 17.35
C ASP A 9 -7.35 12.67 17.06
N PHE A 10 -6.94 12.49 15.80
CA PHE A 10 -6.10 11.35 15.42
C PHE A 10 -5.03 11.79 14.43
N PRO A 11 -4.15 12.72 14.83
CA PRO A 11 -3.21 13.28 13.84
C PRO A 11 -2.26 12.23 13.28
N GLN A 12 -1.91 11.24 14.08
CA GLN A 12 -1.00 10.18 13.62
C GLN A 12 -1.65 9.27 12.56
N ALA A 13 -2.97 9.09 12.61
CA ALA A 13 -3.62 8.15 11.71
C ALA A 13 -3.82 8.68 10.29
N TRP A 14 -3.82 9.99 10.07
CA TRP A 14 -4.10 10.54 8.76
C TRP A 14 -2.83 10.86 7.99
N ALA A 15 -2.84 10.53 6.69
CA ALA A 15 -1.68 10.84 5.85
C ALA A 15 -1.41 12.34 5.81
N GLU A 16 -2.47 13.14 5.87
CA GLU A 16 -2.34 14.60 5.82
C GLU A 16 -1.52 15.15 6.98
N THR A 17 -1.54 14.50 8.14
CA THR A 17 -0.89 15.04 9.31
C THR A 17 0.12 14.11 9.96
N GLY A 18 0.16 12.83 9.58
CA GLY A 18 0.96 11.87 10.29
C GLY A 18 2.30 11.55 9.67
N GLY A 19 2.61 12.13 8.51
CA GLY A 19 3.83 11.79 7.81
C GLY A 19 3.70 10.45 7.12
N MET A 20 4.73 10.12 6.34
CA MET A 20 4.78 8.83 5.65
C MET A 20 4.68 7.68 6.65
N GLY A 21 3.93 6.65 6.27
CA GLY A 21 3.78 5.50 7.12
C GLY A 21 4.97 4.56 7.06
N LEU A 22 4.97 3.62 8.00
CA LEU A 22 5.99 2.58 8.13
C LEU A 22 5.43 1.58 9.11
N ALA A 23 5.15 0.35 8.66
CA ALA A 23 4.53 -0.67 9.50
C ALA A 23 5.59 -1.28 10.42
N VAL A 24 5.67 -0.70 11.63
CA VAL A 24 6.78 -0.97 12.53
C VAL A 24 6.75 -2.38 13.11
N ARG A 25 5.61 -3.06 13.07
CA ARG A 25 5.55 -4.41 13.66
C ARG A 25 5.81 -5.50 12.64
N GLN A 26 5.98 -5.15 11.37
CA GLN A 26 6.10 -6.12 10.29
C GLN A 26 7.57 -6.27 9.94
N ALA A 27 8.07 -7.51 9.96
CA ALA A 27 9.45 -7.74 9.60
C ALA A 27 9.68 -7.37 8.14
N PRO A 28 10.83 -6.81 7.79
CA PRO A 28 11.16 -6.57 6.38
C PRO A 28 11.01 -7.84 5.56
N LEU A 29 10.38 -7.69 4.40
CA LEU A 29 9.95 -8.84 3.60
C LEU A 29 11.10 -9.38 2.77
N ILE A 30 11.28 -10.70 2.83
CA ILE A 30 12.17 -11.41 1.92
C ILE A 30 11.35 -11.97 0.78
N ILE A 31 11.81 -11.76 -0.44
CA ILE A 31 11.09 -12.19 -1.64
C ILE A 31 11.77 -13.40 -2.25
N PRO A 32 11.26 -14.61 -2.06
CA PRO A 32 11.93 -15.80 -2.60
C PRO A 32 11.86 -15.86 -4.12
N LEU A 33 12.99 -16.21 -4.74
CA LEU A 33 13.02 -16.40 -6.19
C LEU A 33 12.67 -17.84 -6.55
N LYS A 34 12.24 -18.00 -7.81
CA LYS A 34 12.05 -19.35 -8.35
C LYS A 34 13.38 -20.08 -8.39
N ALA A 35 13.29 -21.41 -8.37
CA ALA A 35 14.46 -22.24 -8.17
C ALA A 35 15.50 -22.06 -9.27
N THR A 36 15.10 -21.69 -10.48
CA THR A 36 16.05 -21.56 -11.58
C THR A 36 16.42 -20.12 -11.91
N SER A 37 15.91 -19.14 -11.17
CA SER A 37 16.05 -17.75 -11.60
C SER A 37 17.47 -17.24 -11.44
N THR A 38 17.89 -16.38 -12.38
CA THR A 38 19.10 -15.57 -12.27
C THR A 38 18.73 -14.14 -12.62
N PRO A 39 19.56 -13.16 -12.21
CA PRO A 39 19.20 -11.76 -12.44
C PRO A 39 19.08 -11.46 -13.92
N VAL A 40 18.19 -10.52 -14.20
CA VAL A 40 17.99 -9.99 -15.54
C VAL A 40 18.24 -8.49 -15.44
N SER A 41 19.01 -7.95 -16.41
CA SER A 41 19.36 -6.53 -16.45
C SER A 41 18.89 -6.00 -17.81
N ILE A 42 17.78 -5.29 -17.80
CA ILE A 42 17.21 -4.69 -19.00
C ILE A 42 17.67 -3.24 -19.06
N LYS A 43 18.14 -2.82 -20.24
CA LYS A 43 18.68 -1.48 -20.36
C LYS A 43 17.54 -0.47 -20.39
N GLN A 44 17.75 0.68 -19.77
CA GLN A 44 16.71 1.71 -19.71
C GLN A 44 16.52 2.32 -21.11
N TYR A 45 15.29 2.25 -21.61
CA TYR A 45 14.92 2.98 -22.82
C TYR A 45 15.23 4.46 -22.65
N PRO A 46 15.82 5.12 -23.65
CA PRO A 46 16.06 6.55 -23.51
C PRO A 46 14.73 7.27 -23.28
N MET A 47 14.74 8.25 -22.40
CA MET A 47 13.49 8.92 -22.09
C MET A 47 13.66 10.41 -22.36
N SER A 48 12.59 11.03 -22.87
CA SER A 48 12.62 12.42 -23.26
C SER A 48 12.91 13.31 -22.07
N GLN A 49 13.40 14.53 -22.35
CA GLN A 49 13.58 15.47 -21.25
C GLN A 49 12.26 15.79 -20.58
N GLU A 50 11.18 15.88 -21.36
CA GLU A 50 9.90 16.24 -20.76
C GLU A 50 9.49 15.19 -19.75
N ALA A 51 9.65 13.91 -20.10
CA ALA A 51 9.32 12.84 -19.16
C ALA A 51 10.25 12.86 -17.95
N ARG A 52 11.55 13.04 -18.17
CA ARG A 52 12.50 13.07 -17.08
C ARG A 52 12.20 14.21 -16.10
N LEU A 53 11.92 15.41 -16.61
CA LEU A 53 11.58 16.51 -15.72
C LEU A 53 10.27 16.24 -14.98
N GLY A 54 9.35 15.51 -15.61
CA GLY A 54 8.10 15.16 -14.94
C GLY A 54 8.32 14.16 -13.83
N ILE A 55 9.21 13.20 -14.04
CA ILE A 55 9.48 12.14 -13.06
C ILE A 55 10.34 12.63 -11.91
N LYS A 56 11.30 13.51 -12.21
CA LYS A 56 12.32 13.92 -11.25
C LYS A 56 11.81 14.30 -9.86
N PRO A 57 10.76 15.12 -9.71
CA PRO A 57 10.37 15.52 -8.35
C PRO A 57 9.88 14.35 -7.53
N HIS A 58 9.23 13.38 -8.17
CA HIS A 58 8.82 12.16 -7.48
C HIS A 58 10.00 11.37 -6.98
N ILE A 59 11.01 11.16 -7.84
CA ILE A 59 12.21 10.45 -7.41
C ILE A 59 12.86 11.16 -6.25
N GLN A 60 12.97 12.50 -6.33
CA GLN A 60 13.64 13.23 -5.28
C GLN A 60 12.88 13.10 -3.97
N ARG A 61 11.54 13.17 -4.02
CA ARG A 61 10.74 13.00 -2.81
C ARG A 61 10.97 11.62 -2.21
N LEU A 62 10.95 10.59 -3.05
CA LEU A 62 11.16 9.22 -2.55
C LEU A 62 12.56 9.03 -1.99
N LEU A 63 13.57 9.67 -2.61
CA LEU A 63 14.92 9.64 -2.05
C LEU A 63 14.96 10.31 -0.68
N ASP A 64 14.30 11.46 -0.57
CA ASP A 64 14.29 12.19 0.70
C ASP A 64 13.62 11.37 1.79
N GLN A 65 12.58 10.63 1.43
CA GLN A 65 11.87 9.78 2.39
C GLN A 65 12.57 8.45 2.68
N GLY A 66 13.70 8.16 2.02
CA GLY A 66 14.37 6.89 2.18
C GLY A 66 13.69 5.71 1.52
N ILE A 67 12.68 5.96 0.70
CA ILE A 67 11.95 4.88 0.04
C ILE A 67 12.72 4.39 -1.17
N LEU A 68 13.48 5.29 -1.81
CA LEU A 68 14.48 4.91 -2.80
C LEU A 68 15.85 5.14 -2.20
N VAL A 69 16.79 4.24 -2.52
CA VAL A 69 18.21 4.44 -2.17
C VAL A 69 19.07 4.09 -3.36
N PRO A 70 20.27 4.68 -3.43
CA PRO A 70 21.22 4.25 -4.46
C PRO A 70 21.61 2.78 -4.27
N CYS A 71 21.89 2.10 -5.38
CA CYS A 71 22.49 0.78 -5.26
C CYS A 71 23.32 0.47 -6.48
N GLN A 72 24.00 -0.68 -6.43
CA GLN A 72 24.55 -1.37 -7.59
C GLN A 72 24.01 -2.78 -7.59
N SER A 73 23.23 -3.13 -8.61
CA SER A 73 22.54 -4.40 -8.64
C SER A 73 22.68 -5.09 -9.99
N PRO A 74 22.79 -6.42 -10.02
CA PRO A 74 22.76 -7.14 -11.30
C PRO A 74 21.38 -7.22 -11.91
N TRP A 75 20.36 -6.79 -11.18
CA TRP A 75 19.00 -6.67 -11.69
C TRP A 75 18.79 -5.25 -12.16
N ASN A 76 18.04 -5.10 -13.25
CA ASN A 76 17.60 -3.77 -13.65
C ASN A 76 16.36 -3.90 -14.50
N THR A 77 15.35 -3.11 -14.21
CA THR A 77 14.17 -3.03 -15.06
C THR A 77 13.89 -1.58 -15.42
N PRO A 78 13.22 -1.35 -16.53
CA PRO A 78 13.07 0.02 -17.03
C PRO A 78 11.92 0.79 -16.38
N LEU A 79 12.08 2.11 -16.35
CA LEU A 79 10.98 3.04 -16.10
C LEU A 79 10.33 3.39 -17.42
N LEU A 80 9.01 3.56 -17.40
CA LEU A 80 8.27 3.83 -18.64
C LEU A 80 8.56 5.24 -19.14
N PRO A 81 8.99 5.42 -20.38
CA PRO A 81 9.41 6.76 -20.84
C PRO A 81 8.27 7.70 -21.19
N VAL A 82 7.02 7.25 -21.08
CA VAL A 82 5.86 8.12 -21.28
C VAL A 82 4.97 8.08 -20.05
N TYR A 90 2.73 13.05 -15.30
CA TYR A 90 3.91 12.20 -15.23
C TYR A 90 4.15 11.73 -13.81
N ARG A 91 4.40 10.42 -13.67
CA ARG A 91 4.80 9.79 -12.42
C ARG A 91 5.40 8.45 -12.83
N PRO A 92 6.49 8.00 -12.19
CA PRO A 92 7.24 6.87 -12.75
C PRO A 92 6.49 5.57 -12.58
N VAL A 93 6.54 4.76 -13.63
CA VAL A 93 5.97 3.42 -13.63
C VAL A 93 7.07 2.46 -14.06
N GLN A 94 7.38 1.48 -13.20
CA GLN A 94 8.45 0.56 -13.46
C GLN A 94 7.88 -0.71 -14.08
N ASP A 95 8.48 -1.17 -15.17
CA ASP A 95 8.05 -2.40 -15.82
C ASP A 95 8.74 -3.57 -15.14
N LEU A 96 8.06 -4.18 -14.17
CA LEU A 96 8.67 -5.25 -13.40
C LEU A 96 8.32 -6.63 -13.92
N ARG A 97 7.79 -6.73 -15.16
CA ARG A 97 7.33 -8.02 -15.64
C ARG A 97 8.44 -9.07 -15.64
N GLU A 98 9.69 -8.68 -15.95
CA GLU A 98 10.74 -9.69 -16.02
C GLU A 98 11.22 -10.12 -14.64
N VAL A 99 11.06 -9.25 -13.64
CA VAL A 99 11.27 -9.65 -12.24
C VAL A 99 10.14 -10.57 -11.80
N ASN A 100 8.91 -10.19 -12.12
CA ASN A 100 7.74 -10.98 -11.71
C ASN A 100 7.87 -12.42 -12.19
N LYS A 101 8.36 -12.61 -13.43
CA LYS A 101 8.52 -13.96 -13.97
C LYS A 101 9.49 -14.80 -13.17
N ARG A 102 10.42 -14.17 -12.45
CA ARG A 102 11.49 -14.88 -11.77
C ARG A 102 11.23 -15.04 -10.27
N VAL A 103 10.13 -14.48 -9.78
CA VAL A 103 9.81 -14.53 -8.35
C VAL A 103 8.85 -15.69 -8.12
N GLU A 104 9.08 -16.45 -7.05
CA GLU A 104 8.22 -17.60 -6.79
C GLU A 104 6.79 -17.17 -6.53
N ASP A 105 5.85 -17.92 -7.10
CA ASP A 105 4.44 -17.58 -6.93
C ASP A 105 3.98 -17.85 -5.50
N ILE A 106 3.02 -17.06 -5.04
CA ILE A 106 2.39 -17.30 -3.75
C ILE A 106 0.88 -17.49 -3.97
N HIS A 107 0.23 -18.18 -3.03
CA HIS A 107 -1.21 -18.37 -3.12
C HIS A 107 -1.93 -17.03 -3.10
N PRO A 108 -2.84 -16.76 -4.02
CA PRO A 108 -3.59 -15.50 -3.97
C PRO A 108 -4.66 -15.51 -2.88
N THR A 109 -4.44 -14.79 -1.78
CA THR A 109 -5.36 -14.85 -0.64
C THR A 109 -6.29 -13.65 -0.54
N VAL A 110 -6.15 -12.65 -1.39
CA VAL A 110 -7.09 -11.53 -1.36
C VAL A 110 -8.42 -12.01 -1.91
N PRO A 111 -9.51 -11.88 -1.16
CA PRO A 111 -10.83 -12.33 -1.67
C PRO A 111 -11.32 -11.41 -2.77
N ASN A 112 -12.23 -11.95 -3.65
CA ASN A 112 -12.76 -10.99 -4.61
C ASN A 112 -13.84 -10.15 -3.93
N PRO A 113 -14.06 -8.92 -4.41
CA PRO A 113 -15.02 -8.03 -3.72
C PRO A 113 -16.39 -8.64 -3.52
N TYR A 114 -16.91 -9.38 -4.50
CA TYR A 114 -18.24 -9.98 -4.35
C TYR A 114 -18.30 -10.86 -3.11
N ASN A 115 -17.35 -11.78 -2.97
CA ASN A 115 -17.29 -12.64 -1.80
C ASN A 115 -17.03 -11.84 -0.53
N LEU A 116 -16.11 -10.88 -0.57
CA LEU A 116 -15.83 -10.09 0.62
C LEU A 116 -17.10 -9.46 1.17
N LEU A 117 -17.94 -8.90 0.28
CA LEU A 117 -19.12 -8.18 0.75
C LEU A 117 -20.21 -9.10 1.27
N SER A 118 -20.15 -10.40 0.95
CA SER A 118 -21.13 -11.33 1.51
C SER A 118 -21.02 -11.43 3.03
N GLY A 119 -19.86 -11.10 3.60
CA GLY A 119 -19.67 -11.06 5.03
C GLY A 119 -20.28 -9.87 5.75
N LEU A 120 -21.04 -9.03 5.05
CA LEU A 120 -21.71 -7.90 5.66
C LEU A 120 -23.16 -8.29 5.98
N PRO A 121 -23.52 -8.49 7.24
CA PRO A 121 -24.91 -8.88 7.57
C PRO A 121 -25.79 -7.66 7.74
N PRO A 122 -27.11 -7.83 7.62
CA PRO A 122 -28.02 -6.67 7.69
C PRO A 122 -28.04 -5.96 9.03
N SER A 123 -27.67 -6.63 10.12
CA SER A 123 -27.69 -6.00 11.43
C SER A 123 -26.73 -4.82 11.54
N HIS A 124 -25.75 -4.70 10.63
CA HIS A 124 -24.70 -3.70 10.73
C HIS A 124 -24.87 -2.71 9.59
N GLN A 125 -25.47 -1.55 9.88
CA GLN A 125 -25.82 -0.60 8.83
C GLN A 125 -25.17 0.76 8.99
N TRP A 126 -24.30 0.94 9.98
CA TRP A 126 -23.49 2.15 10.09
C TRP A 126 -22.07 1.83 9.63
N TYR A 127 -21.54 2.63 8.71
CA TYR A 127 -20.31 2.28 8.00
C TYR A 127 -19.26 3.36 8.17
N THR A 128 -17.99 2.94 8.23
CA THR A 128 -16.86 3.83 8.02
C THR A 128 -16.00 3.19 6.95
N VAL A 129 -15.60 3.96 5.95
CA VAL A 129 -14.71 3.49 4.90
C VAL A 129 -13.43 4.30 4.96
N LEU A 130 -12.30 3.60 5.07
CA LEU A 130 -10.98 4.22 5.07
C LEU A 130 -10.17 3.66 3.91
N ASP A 131 -9.34 4.51 3.32
CA ASP A 131 -8.43 4.13 2.25
C ASP A 131 -7.03 4.43 2.77
N LEU A 132 -6.16 3.42 2.82
CA LEU A 132 -4.80 3.67 3.27
C LEU A 132 -3.99 4.29 2.15
N LYS A 133 -3.24 5.34 2.49
CA LYS A 133 -2.40 6.05 1.55
C LYS A 133 -1.02 5.41 1.50
N ASP A 134 -0.54 5.18 0.28
CA ASP A 134 0.83 4.72 0.04
C ASP A 134 1.05 3.42 0.80
N ALA A 135 0.04 2.54 0.73
CA ALA A 135 0.02 1.36 1.59
C ALA A 135 1.23 0.48 1.38
N PHE A 136 1.53 0.13 0.12
CA PHE A 136 2.67 -0.77 -0.12
C PHE A 136 3.94 -0.19 0.47
N PHE A 137 4.11 1.13 0.40
CA PHE A 137 5.34 1.72 0.90
C PHE A 137 5.44 1.65 2.41
N CYS A 138 4.37 1.27 3.12
CA CYS A 138 4.49 1.10 4.57
C CYS A 138 5.24 -0.17 4.93
N LEU A 139 5.33 -1.12 4.02
CA LEU A 139 6.01 -2.39 4.30
C LEU A 139 7.45 -2.34 3.84
N ARG A 140 8.37 -2.61 4.76
CA ARG A 140 9.78 -2.66 4.39
C ARG A 140 10.15 -3.92 3.60
N LEU A 141 11.12 -3.79 2.69
CA LEU A 141 11.80 -4.91 2.06
C LEU A 141 13.11 -5.20 2.77
N HIS A 142 13.38 -6.48 2.96
CA HIS A 142 14.67 -6.89 3.49
C HIS A 142 15.78 -6.45 2.56
N PRO A 143 16.93 -6.02 3.11
CA PRO A 143 18.05 -5.62 2.23
C PRO A 143 18.47 -6.69 1.24
N THR A 144 18.28 -7.98 1.55
CA THR A 144 18.66 -9.01 0.58
C THR A 144 17.76 -9.01 -0.64
N SER A 145 16.51 -8.55 -0.49
CA SER A 145 15.55 -8.51 -1.58
C SER A 145 15.52 -7.16 -2.30
N GLN A 146 16.07 -6.11 -1.71
CA GLN A 146 16.03 -4.80 -2.36
C GLN A 146 16.69 -4.79 -3.74
N PRO A 147 17.81 -5.48 -4.00
CA PRO A 147 18.43 -5.36 -5.33
C PRO A 147 17.55 -5.86 -6.47
N LEU A 148 16.56 -6.71 -6.18
CA LEU A 148 15.66 -7.24 -7.20
C LEU A 148 14.99 -6.14 -8.01
N PHE A 149 14.70 -5.00 -7.38
CA PHE A 149 13.81 -4.04 -7.97
C PHE A 149 14.54 -2.80 -8.48
N ALA A 150 15.84 -2.90 -8.73
CA ALA A 150 16.62 -1.73 -9.13
C ALA A 150 16.23 -1.22 -10.53
N PHE A 151 16.44 0.08 -10.71
CA PHE A 151 16.25 0.72 -12.01
C PHE A 151 17.30 1.80 -12.14
N GLU A 152 17.47 2.31 -13.36
CA GLU A 152 18.51 3.31 -13.60
C GLU A 152 17.94 4.73 -13.48
N TRP A 153 18.71 5.63 -12.87
CA TRP A 153 18.30 7.03 -12.82
C TRP A 153 19.48 7.90 -13.17
N ARG A 154 19.34 8.67 -14.24
CA ARG A 154 20.38 9.58 -14.73
C ARG A 154 19.84 11.01 -14.70
N ASP A 155 20.62 11.89 -14.10
CA ASP A 155 20.33 13.32 -14.06
C ASP A 155 21.35 14.03 -14.96
N PRO A 156 21.05 14.22 -16.24
CA PRO A 156 22.09 14.70 -17.18
C PRO A 156 22.68 16.04 -16.79
N GLU A 157 21.85 16.97 -16.31
CA GLU A 157 22.30 18.29 -15.92
C GLU A 157 22.70 18.36 -14.45
N MET A 158 22.91 17.21 -13.82
CA MET A 158 23.54 17.10 -12.51
C MET A 158 24.76 16.19 -12.53
N GLY A 159 24.71 15.10 -13.29
CA GLY A 159 25.84 14.21 -13.46
C GLY A 159 25.71 12.86 -12.81
N ILE A 160 24.58 12.56 -12.16
CA ILE A 160 24.39 11.28 -11.49
C ILE A 160 23.78 10.31 -12.49
N SER A 161 24.51 9.24 -12.81
CA SER A 161 23.99 8.11 -13.60
C SER A 161 24.35 6.84 -12.86
N GLY A 162 23.37 6.28 -12.15
CA GLY A 162 23.55 5.03 -11.45
C GLY A 162 22.19 4.43 -11.22
N GLN A 163 22.12 3.39 -10.39
CA GLN A 163 20.86 2.73 -10.10
C GLN A 163 20.30 3.19 -8.76
N LEU A 164 18.98 3.14 -8.66
CA LEU A 164 18.29 3.26 -7.39
C LEU A 164 17.51 1.98 -7.18
N THR A 165 17.15 1.71 -5.94
CA THR A 165 16.15 0.68 -5.72
C THR A 165 15.24 1.04 -4.56
N TRP A 166 14.25 0.18 -4.34
CA TRP A 166 13.20 0.40 -3.36
C TRP A 166 13.58 -0.23 -2.02
N THR A 167 13.24 0.47 -0.93
CA THR A 167 13.42 -0.11 0.40
C THR A 167 12.08 -0.55 0.98
N ARG A 168 11.01 -0.39 0.22
CA ARG A 168 9.65 -0.76 0.61
C ARG A 168 9.04 -1.57 -0.52
N LEU A 169 7.93 -2.23 -0.21
CA LEU A 169 7.24 -3.06 -1.18
C LEU A 169 6.83 -2.22 -2.40
N PRO A 170 7.25 -2.58 -3.63
CA PRO A 170 7.04 -1.66 -4.76
C PRO A 170 5.73 -1.86 -5.51
N GLN A 171 5.29 -0.77 -6.14
CA GLN A 171 4.23 -0.87 -7.12
C GLN A 171 4.69 -1.70 -8.30
N GLY A 172 3.76 -2.46 -8.88
CA GLY A 172 4.06 -3.21 -10.09
C GLY A 172 4.63 -4.59 -9.82
N PHE A 173 4.89 -4.92 -8.57
CA PHE A 173 5.37 -6.24 -8.19
C PHE A 173 4.18 -7.15 -7.98
N LYS A 174 4.22 -8.34 -8.59
CA LYS A 174 3.03 -9.18 -8.70
C LYS A 174 2.48 -9.59 -7.33
N ASN A 175 3.33 -9.71 -6.31
CA ASN A 175 2.85 -10.16 -5.01
C ASN A 175 2.55 -9.03 -4.04
N SER A 176 2.68 -7.77 -4.44
CA SER A 176 2.49 -6.70 -3.46
C SER A 176 1.08 -6.68 -2.88
N PRO A 177 0.01 -6.78 -3.66
CA PRO A 177 -1.35 -6.73 -3.05
C PRO A 177 -1.54 -7.84 -2.03
N THR A 178 -1.13 -9.06 -2.36
CA THR A 178 -1.32 -10.17 -1.43
C THR A 178 -0.46 -10.01 -0.18
N LEU A 179 0.81 -9.63 -0.35
CA LEU A 179 1.65 -9.47 0.82
C LEU A 179 1.14 -8.33 1.71
N PHE A 180 0.64 -7.25 1.11
CA PHE A 180 0.13 -6.19 1.95
C PHE A 180 -1.12 -6.63 2.70
N ASP A 181 -2.03 -7.30 1.99
CA ASP A 181 -3.27 -7.73 2.62
C ASP A 181 -2.97 -8.66 3.79
N GLU A 182 -2.01 -9.57 3.60
CA GLU A 182 -1.66 -10.49 4.68
C GLU A 182 -1.00 -9.77 5.85
N ALA A 183 -0.13 -8.79 5.57
CA ALA A 183 0.48 -8.02 6.64
C ALA A 183 -0.57 -7.26 7.44
N LEU A 184 -1.52 -6.61 6.76
CA LEU A 184 -2.49 -5.82 7.50
C LEU A 184 -3.41 -6.72 8.31
N HIS A 185 -3.73 -7.90 7.79
CA HIS A 185 -4.50 -8.88 8.57
C HIS A 185 -3.77 -9.26 9.85
N ARG A 186 -2.45 -9.49 9.78
CA ARG A 186 -1.71 -9.77 11.01
C ARG A 186 -1.79 -8.59 11.97
N ASP A 187 -1.69 -7.36 11.45
CA ASP A 187 -1.62 -6.19 12.30
C ASP A 187 -2.98 -5.84 12.90
N LEU A 188 -4.08 -6.24 12.26
CA LEU A 188 -5.41 -5.93 12.78
C LEU A 188 -6.06 -7.12 13.46
N ALA A 189 -5.32 -8.22 13.62
CA ALA A 189 -5.91 -9.40 14.25
C ALA A 189 -6.35 -9.11 15.68
N ASP A 190 -5.55 -8.34 16.43
CA ASP A 190 -5.93 -8.08 17.82
C ASP A 190 -7.11 -7.11 17.88
N PHE A 191 -7.17 -6.14 16.96
CA PHE A 191 -8.30 -5.23 16.93
C PHE A 191 -9.60 -6.00 16.79
N ARG A 192 -9.64 -6.99 15.88
CA ARG A 192 -10.83 -7.80 15.69
C ARG A 192 -11.21 -8.50 16.99
N ILE A 193 -10.22 -8.96 17.75
CA ILE A 193 -10.50 -9.68 18.99
C ILE A 193 -11.07 -8.73 20.03
N GLN A 194 -10.54 -7.51 20.11
CA GLN A 194 -11.03 -6.53 21.07
C GLN A 194 -12.37 -5.94 20.71
N HIS A 195 -12.87 -6.13 19.49
CA HIS A 195 -14.13 -5.52 19.06
C HIS A 195 -14.96 -6.54 18.32
N PRO A 196 -15.43 -7.57 19.03
CA PRO A 196 -16.15 -8.66 18.36
C PRO A 196 -17.51 -8.25 17.82
N ASP A 197 -18.05 -7.12 18.27
CA ASP A 197 -19.31 -6.59 17.77
C ASP A 197 -19.17 -5.91 16.41
N LEU A 198 -17.96 -5.61 15.97
CA LEU A 198 -17.72 -4.88 14.73
C LEU A 198 -17.39 -5.83 13.60
N ILE A 199 -17.83 -5.46 12.39
CA ILE A 199 -17.40 -6.12 11.16
C ILE A 199 -16.32 -5.26 10.52
N LEU A 200 -15.20 -5.89 10.17
CA LEU A 200 -14.13 -5.21 9.47
C LEU A 200 -13.84 -5.98 8.20
N LEU A 201 -14.06 -5.34 7.06
CA LEU A 201 -13.73 -5.92 5.76
C LEU A 201 -12.44 -5.28 5.26
N GLN A 202 -11.48 -6.11 4.84
CA GLN A 202 -10.22 -5.63 4.28
C GLN A 202 -10.08 -6.08 2.85
N TYR A 203 -9.84 -5.12 1.94
CA TYR A 203 -9.46 -5.43 0.56
C TYR A 203 -8.18 -4.65 0.27
N VAL A 204 -7.03 -5.28 0.54
CA VAL A 204 -5.74 -4.62 0.39
C VAL A 204 -5.75 -3.32 1.18
N ASP A 205 -5.82 -2.17 0.51
CA ASP A 205 -5.72 -0.91 1.22
C ASP A 205 -7.07 -0.26 1.48
N ASP A 206 -8.17 -0.94 1.17
CA ASP A 206 -9.52 -0.39 1.31
C ASP A 206 -10.25 -1.12 2.45
N LEU A 207 -10.64 -0.37 3.47
CA LEU A 207 -11.19 -0.92 4.70
C LEU A 207 -12.63 -0.44 4.89
N LEU A 208 -13.50 -1.36 5.29
CA LEU A 208 -14.86 -1.03 5.71
C LEU A 208 -15.07 -1.52 7.14
N LEU A 209 -15.48 -0.62 8.01
CA LEU A 209 -15.91 -0.95 9.35
C LEU A 209 -17.42 -0.79 9.42
N ALA A 210 -18.10 -1.77 10.04
CA ALA A 210 -19.55 -1.76 10.11
C ALA A 210 -19.99 -2.05 11.54
N ALA A 211 -20.99 -1.29 12.01
CA ALA A 211 -21.46 -1.36 13.38
C ALA A 211 -22.98 -1.34 13.39
N THR A 212 -23.56 -1.68 14.54
CA THR A 212 -25.01 -1.73 14.64
C THR A 212 -25.64 -0.38 14.95
N SER A 213 -24.85 0.60 15.40
CA SER A 213 -25.38 1.91 15.75
C SER A 213 -24.37 2.98 15.39
N GLU A 214 -24.86 4.22 15.35
CA GLU A 214 -23.97 5.36 15.15
C GLU A 214 -22.92 5.41 16.25
N LEU A 215 -23.35 5.25 17.50
CA LEU A 215 -22.41 5.32 18.63
C LEU A 215 -21.32 4.29 18.50
N ASP A 216 -21.70 3.03 18.27
CA ASP A 216 -20.70 1.96 18.15
C ASP A 216 -19.77 2.22 16.96
N CYS A 217 -20.32 2.73 15.86
CA CYS A 217 -19.47 3.06 14.72
C CYS A 217 -18.49 4.16 15.07
N GLN A 218 -18.94 5.15 15.86
CA GLN A 218 -18.06 6.23 16.26
C GLN A 218 -16.94 5.73 17.16
N GLN A 219 -17.29 4.88 18.12
CA GLN A 219 -16.28 4.36 19.05
C GLN A 219 -15.33 3.42 18.34
N GLY A 220 -15.86 2.58 17.43
CA GLY A 220 -14.99 1.65 16.71
C GLY A 220 -14.07 2.37 15.74
N THR A 221 -14.55 3.44 15.11
CA THR A 221 -13.72 4.22 14.21
C THR A 221 -12.60 4.93 14.96
N ARG A 222 -12.90 5.47 16.15
CA ARG A 222 -11.85 6.03 16.99
C ARG A 222 -10.79 4.98 17.30
N ALA A 223 -11.25 3.80 17.71
CA ALA A 223 -10.32 2.70 18.02
C ALA A 223 -9.51 2.29 16.80
N LEU A 224 -10.17 2.17 15.63
CA LEU A 224 -9.47 1.74 14.43
C LEU A 224 -8.45 2.77 13.98
N LEU A 225 -8.81 4.06 14.01
CA LEU A 225 -7.83 5.08 13.64
C LEU A 225 -6.65 5.09 14.61
N GLN A 226 -6.93 4.97 15.90
CA GLN A 226 -5.85 4.93 16.88
C GLN A 226 -4.92 3.76 16.60
N THR A 227 -5.50 2.59 16.35
CA THR A 227 -4.73 1.38 16.09
C THR A 227 -3.91 1.50 14.81
N LEU A 228 -4.54 1.93 13.72
CA LEU A 228 -3.82 2.09 12.45
C LEU A 228 -2.65 3.04 12.59
N GLY A 229 -2.88 4.20 13.20
CA GLY A 229 -1.82 5.19 13.33
C GLY A 229 -0.66 4.66 14.17
N ASN A 230 -0.98 3.96 15.25
CA ASN A 230 0.03 3.41 16.13
C ASN A 230 0.86 2.33 15.44
N LEU A 231 0.22 1.54 14.56
CA LEU A 231 0.91 0.50 13.82
C LEU A 231 1.77 1.06 12.69
N GLY A 232 1.54 2.31 12.29
CA GLY A 232 2.32 2.95 11.24
C GLY A 232 1.62 3.10 9.90
N TYR A 233 0.33 2.78 9.81
CA TYR A 233 -0.42 2.98 8.59
C TYR A 233 -1.06 4.38 8.61
N ARG A 234 -1.42 4.85 7.42
CA ARG A 234 -1.95 6.20 7.25
C ARG A 234 -3.18 6.15 6.36
N ALA A 235 -4.27 6.73 6.82
CA ALA A 235 -5.50 6.79 6.03
C ALA A 235 -5.67 8.17 5.40
N SER A 236 -6.36 8.21 4.27
CA SER A 236 -6.63 9.47 3.57
C SER A 236 -7.77 10.19 4.27
N ALA A 237 -7.47 11.35 4.87
CA ALA A 237 -8.52 12.12 5.53
C ALA A 237 -9.52 12.67 4.52
N LYS A 238 -9.07 12.96 3.31
CA LYS A 238 -9.94 13.61 2.35
C LYS A 238 -10.92 12.62 1.73
N LYS A 239 -10.55 11.34 1.67
CA LYS A 239 -11.42 10.32 1.10
C LYS A 239 -12.26 9.58 2.13
N ALA A 240 -11.96 9.74 3.43
CA ALA A 240 -12.66 8.97 4.44
C ALA A 240 -14.16 9.24 4.43
N GLN A 241 -14.94 8.18 4.62
CA GLN A 241 -16.39 8.26 4.82
C GLN A 241 -16.64 7.74 6.22
N ILE A 242 -16.98 8.63 7.15
CA ILE A 242 -16.96 8.28 8.57
C ILE A 242 -18.38 8.25 9.11
N CYS A 243 -18.78 7.10 9.65
CA CYS A 243 -20.05 6.90 10.34
C CYS A 243 -21.23 7.35 9.48
N GLN A 244 -21.36 6.70 8.34
CA GLN A 244 -22.40 6.99 7.37
C GLN A 244 -23.34 5.80 7.27
N LYS A 245 -24.62 6.09 7.03
CA LYS A 245 -25.54 4.99 6.76
C LYS A 245 -25.50 4.57 5.30
N GLN A 246 -24.76 5.31 4.48
CA GLN A 246 -24.57 4.99 3.07
C GLN A 246 -23.14 5.36 2.66
N VAL A 247 -22.42 4.42 2.03
CA VAL A 247 -21.03 4.63 1.62
C VAL A 247 -20.77 3.98 0.27
N LYS A 248 -19.69 4.44 -0.37
CA LYS A 248 -19.15 3.79 -1.57
C LYS A 248 -17.94 2.96 -1.15
N TYR A 249 -17.96 1.67 -1.47
CA TYR A 249 -16.89 0.73 -1.09
C TYR A 249 -16.70 -0.25 -2.23
N LEU A 250 -15.48 -0.28 -2.80
CA LEU A 250 -15.11 -1.26 -3.82
C LEU A 250 -16.04 -1.23 -5.03
N GLY A 251 -16.43 -0.03 -5.45
CA GLY A 251 -17.29 0.13 -6.60
C GLY A 251 -18.78 -0.03 -6.32
N TYR A 252 -19.15 -0.50 -5.15
CA TYR A 252 -20.54 -0.62 -4.76
C TYR A 252 -20.98 0.61 -3.99
N LEU A 253 -22.25 0.97 -4.14
CA LEU A 253 -22.89 1.88 -3.21
C LEU A 253 -23.62 1.02 -2.20
N LEU A 254 -23.23 1.13 -0.94
CA LEU A 254 -23.86 0.39 0.14
C LEU A 254 -24.93 1.27 0.76
N LYS A 255 -26.17 0.80 0.78
CA LYS A 255 -27.30 1.64 1.19
C LYS A 255 -28.48 0.73 1.51
N GLU A 256 -29.02 0.87 2.72
CA GLU A 256 -30.17 0.07 3.18
C GLU A 256 -29.89 -1.42 3.06
N GLY A 257 -28.63 -1.82 3.33
CA GLY A 257 -28.27 -3.22 3.29
C GLY A 257 -28.18 -3.80 1.89
N GLN A 258 -28.35 -2.99 0.86
CA GLN A 258 -28.35 -3.47 -0.50
C GLN A 258 -26.97 -3.37 -1.13
N ARG A 259 -26.72 -4.24 -2.10
CA ARG A 259 -25.54 -4.22 -2.94
C ARG A 259 -24.30 -4.58 -2.13
#